data_5R5L
#
_entry.id   5R5L
#
_cell.length_a   49.710
_cell.length_b   52.160
_cell.length_c   101.890
_cell.angle_alpha   90.000
_cell.angle_beta   90.000
_cell.angle_gamma   90.000
#
_symmetry.space_group_name_H-M   'P 21 21 21'
#
loop_
_entity.id
_entity.type
_entity.pdbx_description
1 polymer 'Uridine diphosphate glucose pyrophosphatase NUDT22'
2 non-polymer 4-(methylsulfonylamino)benzamide
3 non-polymer 'DIMETHYL SULFOXIDE'
4 water water
#
_entity_poly.entity_id   1
_entity_poly.type   'polypeptide(L)'
_entity_poly.pdbx_seq_one_letter_code
;SMDPEVTLLLQCPGGGLPQEQIQAELSPAHDRRPLPGGDEAITAIWETRLKAQPWLFDAPKFRLHSATLAPIGSRGPQLL
LRLGLTSYRDFLGTNWSSSAAWLRQQGATDWGDTQAYLADPLGVGAALATADDFLVFLRRSRQVAEAPGLVDVPGGHPEP
QALCPGGSPQHQDLAGQLVVHELFSSVLQEICDEVNLPLLTLSQPLLLGIARNETSAGRASAEFYVQCSLTSEQVRKHYL
SGGPEAHESTGIFFVETQNVRRLPETEMWAELCPSAKGAIILYNRVQGSPTGAALGSPALLPPL
;
_entity_poly.pdbx_strand_id   A
#
# COMPACT_ATOMS: atom_id res chain seq x y z
N ASP A 3 3.49 -14.85 -9.42
N ASP A 3 3.84 -14.05 -9.53
CA ASP A 3 2.49 -14.32 -8.46
CA ASP A 3 2.64 -14.27 -8.67
C ASP A 3 1.46 -13.48 -9.20
C ASP A 3 1.49 -13.46 -9.24
N PRO A 4 0.39 -14.09 -9.75
CA PRO A 4 -0.61 -13.35 -10.53
C PRO A 4 -1.42 -12.35 -9.71
N GLU A 5 -1.43 -12.41 -8.37
CA GLU A 5 -2.34 -11.50 -7.62
C GLU A 5 -1.68 -10.15 -7.36
N VAL A 6 -0.42 -9.97 -7.71
CA VAL A 6 0.29 -8.66 -7.55
C VAL A 6 1.14 -8.33 -8.81
N THR A 7 1.05 -7.09 -9.31
CA THR A 7 1.90 -6.55 -10.41
C THR A 7 2.60 -5.27 -9.93
N LEU A 8 3.86 -5.07 -10.31
CA LEU A 8 4.62 -3.84 -9.93
C LEU A 8 4.33 -2.75 -10.95
N LEU A 9 3.82 -1.61 -10.50
CA LEU A 9 3.62 -0.45 -11.41
C LEU A 9 4.90 0.38 -11.45
N LEU A 10 5.61 0.50 -10.33
CA LEU A 10 6.83 1.37 -10.19
C LEU A 10 7.80 0.69 -9.21
N GLN A 11 9.09 0.63 -9.55
CA GLN A 11 10.22 0.38 -8.61
C GLN A 11 11.06 1.68 -8.52
N CYS A 12 11.21 2.24 -7.33
CA CYS A 12 11.99 3.49 -7.12
C CYS A 12 13.49 3.24 -7.21
N PRO A 13 14.26 4.23 -7.72
CA PRO A 13 15.71 4.16 -7.73
C PRO A 13 16.36 4.63 -6.43
N GLY A 14 17.66 4.44 -6.34
CA GLY A 14 18.50 5.01 -5.27
C GLY A 14 18.23 4.41 -3.91
N GLY A 15 17.63 3.22 -3.82
CA GLY A 15 17.25 2.59 -2.54
C GLY A 15 15.95 3.16 -1.97
N GLY A 16 15.23 3.98 -2.72
CA GLY A 16 13.90 4.51 -2.35
C GLY A 16 13.92 6.03 -2.29
N LEU A 17 12.78 6.67 -2.56
CA LEU A 17 12.71 8.16 -2.66
C LEU A 17 12.18 8.80 -1.37
N PRO A 18 12.86 9.86 -0.86
CA PRO A 18 12.30 10.68 0.21
C PRO A 18 11.21 11.63 -0.30
N GLN A 19 10.44 12.20 0.64
CA GLN A 19 9.32 13.12 0.35
C GLN A 19 9.77 14.28 -0.58
N GLU A 20 10.97 14.81 -0.34
CA GLU A 20 11.48 16.04 -1.03
C GLU A 20 11.72 15.77 -2.53
N GLN A 21 11.71 14.51 -2.98
CA GLN A 21 12.02 14.18 -4.38
C GLN A 21 10.75 13.79 -5.14
N ILE A 22 9.58 14.02 -4.58
CA ILE A 22 8.30 13.57 -5.21
C ILE A 22 7.37 14.78 -5.39
N GLN A 23 6.81 14.88 -6.60
CA GLN A 23 5.80 15.88 -7.00
C GLN A 23 4.46 15.20 -7.14
N ALA A 24 3.35 15.83 -6.76
CA ALA A 24 2.00 15.31 -7.05
C ALA A 24 1.24 16.35 -7.87
N GLU A 25 0.40 15.89 -8.79
CA GLU A 25 -0.55 16.72 -9.57
C GLU A 25 -1.93 16.17 -9.20
N LEU A 26 -2.70 16.94 -8.43
CA LEU A 26 -4.06 16.56 -7.98
C LEU A 26 -5.05 17.29 -8.88
N SER A 27 -5.78 16.58 -9.73
CA SER A 27 -6.63 17.16 -10.79
C SER A 27 -7.89 16.32 -11.01
N PRO A 28 -9.08 16.96 -11.21
CA PRO A 28 -10.28 16.22 -11.59
C PRO A 28 -10.14 15.47 -12.92
N ALA A 29 -9.14 15.80 -13.75
CA ALA A 29 -8.78 15.02 -14.94
C ALA A 29 -8.34 13.59 -14.56
N HIS A 30 -7.95 13.35 -13.30
CA HIS A 30 -7.40 12.05 -12.81
C HIS A 30 -8.48 11.24 -12.08
N ASP A 31 -9.73 11.73 -12.12
CA ASP A 31 -10.86 11.05 -11.44
C ASP A 31 -11.36 9.86 -12.26
N ARG A 32 -12.11 8.96 -11.64
CA ARG A 32 -12.87 7.88 -12.31
C ARG A 32 -13.81 8.51 -13.36
N ARG A 33 -14.03 7.84 -14.48
CA ARG A 33 -15.05 8.25 -15.48
C ARG A 33 -16.43 7.78 -15.01
N PRO A 34 -17.50 8.55 -15.26
CA PRO A 34 -18.86 8.10 -14.96
C PRO A 34 -19.15 6.75 -15.65
N LEU A 35 -19.90 5.86 -15.00
CA LEU A 35 -20.15 4.48 -15.50
C LEU A 35 -20.98 4.55 -16.78
N PRO A 36 -20.83 3.61 -17.74
CA PRO A 36 -21.56 3.68 -19.01
C PRO A 36 -23.08 3.89 -18.87
N GLY A 37 -23.71 3.24 -17.89
CA GLY A 37 -25.17 3.35 -17.67
C GLY A 37 -25.53 4.37 -16.59
N GLY A 38 -24.57 5.14 -16.08
CA GLY A 38 -24.77 6.21 -15.08
C GLY A 38 -24.33 5.74 -13.69
N ASP A 39 -23.92 6.67 -12.81
CA ASP A 39 -23.45 6.37 -11.43
C ASP A 39 -24.60 5.96 -10.49
N GLU A 40 -25.84 5.88 -10.99
CA GLU A 40 -27.01 5.34 -10.23
C GLU A 40 -26.77 3.92 -9.73
N ALA A 41 -26.02 3.09 -10.46
CA ALA A 41 -25.67 1.70 -10.09
C ALA A 41 -24.83 1.67 -8.78
N ILE A 42 -23.94 2.62 -8.59
CA ILE A 42 -23.13 2.76 -7.33
C ILE A 42 -24.06 3.17 -6.17
N THR A 43 -24.92 4.16 -6.39
CA THR A 43 -25.91 4.66 -5.39
C THR A 43 -26.82 3.49 -4.94
N ALA A 44 -27.34 2.67 -5.86
CA ALA A 44 -28.19 1.48 -5.56
C ALA A 44 -27.45 0.48 -4.63
N ILE A 45 -26.19 0.13 -4.92
CA ILE A 45 -25.35 -0.80 -4.11
C ILE A 45 -25.19 -0.21 -2.68
N TRP A 46 -24.94 1.09 -2.59
CA TRP A 46 -24.68 1.81 -1.32
C TRP A 46 -25.95 1.81 -0.45
N GLU A 47 -27.09 2.17 -1.07
CA GLU A 47 -28.41 2.17 -0.40
C GLU A 47 -28.72 0.79 0.18
N THR A 48 -28.54 -0.28 -0.62
CA THR A 48 -28.79 -1.68 -0.20
C THR A 48 -27.91 -2.02 1.00
N ARG A 49 -26.63 -1.64 0.94
CA ARG A 49 -25.65 -1.92 2.01
C ARG A 49 -26.08 -1.19 3.30
N LEU A 50 -26.46 0.08 3.23
CA LEU A 50 -26.89 0.87 4.43
C LEU A 50 -28.17 0.30 5.03
N LYS A 51 -29.04 -0.31 4.22
CA LYS A 51 -30.30 -0.88 4.75
C LYS A 51 -30.04 -2.15 5.58
N ALA A 52 -28.86 -2.74 5.49
CA ALA A 52 -28.42 -3.90 6.32
C ALA A 52 -27.47 -3.45 7.42
N GLN A 53 -26.61 -2.46 7.15
CA GLN A 53 -25.58 -1.95 8.08
C GLN A 53 -25.69 -0.43 8.17
N PRO A 54 -26.72 0.12 8.86
CA PRO A 54 -26.98 1.56 8.80
C PRO A 54 -25.92 2.40 9.53
N TRP A 55 -24.97 1.77 10.25
CA TRP A 55 -23.84 2.48 10.95
C TRP A 55 -22.64 2.75 10.03
N LEU A 56 -22.64 2.25 8.78
CA LEU A 56 -21.52 2.47 7.85
C LEU A 56 -21.48 3.93 7.45
N PHE A 57 -20.29 4.46 7.17
CA PHE A 57 -20.15 5.86 6.71
C PHE A 57 -19.16 5.91 5.54
N ASP A 58 -19.42 6.83 4.62
CA ASP A 58 -18.54 7.12 3.46
C ASP A 58 -17.33 7.94 3.96
N ALA A 59 -16.28 8.00 3.17
CA ALA A 59 -15.06 8.80 3.43
C ALA A 59 -14.37 9.06 2.10
N PRO A 60 -13.78 10.26 1.91
CA PRO A 60 -13.01 10.55 0.70
C PRO A 60 -11.69 9.78 0.73
N LYS A 61 -11.14 9.52 -0.45
CA LYS A 61 -9.86 8.80 -0.66
C LYS A 61 -9.12 9.43 -1.84
N PHE A 62 -7.80 9.25 -1.90
CA PHE A 62 -7.00 9.61 -3.11
C PHE A 62 -7.18 8.50 -4.15
N ARG A 63 -7.21 8.86 -5.43
CA ARG A 63 -7.23 7.89 -6.55
C ARG A 63 -5.88 8.00 -7.27
N LEU A 64 -5.20 6.89 -7.55
CA LEU A 64 -3.98 6.89 -8.41
C LEU A 64 -4.40 6.77 -9.88
N HIS A 65 -4.07 7.78 -10.70
CA HIS A 65 -4.21 7.70 -12.17
C HIS A 65 -2.97 7.06 -12.82
N SER A 66 -1.79 7.55 -12.48
CA SER A 66 -0.49 7.14 -13.10
C SER A 66 0.67 7.76 -12.32
N ALA A 67 1.88 7.23 -12.52
CA ALA A 67 3.12 7.70 -11.88
C ALA A 67 4.22 7.65 -12.93
N THR A 68 4.96 8.76 -13.13
CA THR A 68 6.06 8.84 -14.13
C THR A 68 7.39 9.06 -13.40
N LEU A 69 8.37 8.15 -13.59
CA LEU A 69 9.75 8.31 -13.07
C LEU A 69 10.61 9.12 -14.05
N ALA A 70 11.44 10.03 -13.52
CA ALA A 70 12.44 10.80 -14.29
C ALA A 70 13.50 9.82 -14.83
N PRO A 71 14.33 10.25 -15.80
CA PRO A 71 15.51 9.49 -16.19
C PRO A 71 16.42 9.20 -14.98
N ILE A 72 16.91 7.98 -14.81
CA ILE A 72 17.73 7.62 -13.61
C ILE A 72 19.00 8.47 -13.58
N GLY A 73 19.39 8.90 -12.38
CA GLY A 73 20.62 9.68 -12.17
C GLY A 73 20.44 11.18 -12.35
N SER A 74 19.23 11.64 -12.67
CA SER A 74 18.96 13.07 -12.97
C SER A 74 18.88 13.88 -11.66
N ARG A 75 19.06 15.20 -11.78
CA ARG A 75 18.84 16.18 -10.68
C ARG A 75 17.36 16.62 -10.73
N GLY A 76 16.87 17.19 -9.64
CA GLY A 76 15.48 17.67 -9.57
C GLY A 76 14.54 16.53 -9.20
N PRO A 77 13.21 16.78 -9.21
CA PRO A 77 12.22 15.80 -8.78
C PRO A 77 12.30 14.50 -9.61
N GLN A 78 12.25 13.36 -8.93
CA GLN A 78 12.49 12.03 -9.55
C GLN A 78 11.16 11.33 -9.86
N LEU A 79 10.03 11.74 -9.25
CA LEU A 79 8.75 11.03 -9.51
C LEU A 79 7.62 12.08 -9.62
N LEU A 80 6.71 11.88 -10.55
CA LEU A 80 5.42 12.62 -10.61
C LEU A 80 4.26 11.65 -10.34
N LEU A 81 3.46 11.91 -9.32
CA LEU A 81 2.21 11.14 -9.05
C LEU A 81 1.02 11.94 -9.59
N ARG A 82 0.24 11.37 -10.50
CA ARG A 82 -1.04 11.95 -10.98
C ARG A 82 -2.18 11.35 -10.16
N LEU A 83 -2.86 12.20 -9.39
CA LEU A 83 -3.87 11.79 -8.38
C LEU A 83 -5.20 12.49 -8.69
N GLY A 84 -6.29 11.75 -8.46
CA GLY A 84 -7.63 12.34 -8.37
C GLY A 84 -8.24 12.04 -7.03
N LEU A 85 -9.56 12.22 -6.93
CA LEU A 85 -10.32 11.91 -5.68
C LEU A 85 -11.36 10.84 -5.97
N THR A 86 -11.57 9.97 -5.00
CA THR A 86 -12.61 8.90 -5.00
C THR A 86 -13.22 8.81 -3.59
N SER A 87 -13.83 7.68 -3.25
CA SER A 87 -14.51 7.50 -1.94
C SER A 87 -14.65 6.01 -1.66
N TYR A 88 -14.90 5.68 -0.40
CA TYR A 88 -15.22 4.30 0.03
C TYR A 88 -16.47 3.81 -0.72
N ARG A 89 -17.52 4.63 -0.82
CA ARG A 89 -18.78 4.30 -1.56
C ARG A 89 -18.51 3.90 -3.03
N ASP A 90 -17.69 4.68 -3.73
CA ASP A 90 -17.33 4.40 -5.15
C ASP A 90 -16.54 3.09 -5.22
N PHE A 91 -15.63 2.84 -4.28
CA PHE A 91 -14.89 1.54 -4.20
C PHE A 91 -15.91 0.38 -4.12
N LEU A 92 -16.86 0.45 -3.19
CA LEU A 92 -17.78 -0.71 -2.95
C LEU A 92 -18.60 -0.96 -4.22
N GLY A 93 -18.90 0.08 -4.97
CA GLY A 93 -19.71 0.01 -6.22
C GLY A 93 -18.93 -0.34 -7.48
N THR A 94 -17.59 -0.44 -7.44
CA THR A 94 -16.76 -0.67 -8.64
C THR A 94 -15.77 -1.79 -8.35
N ASN A 95 -14.60 -1.53 -7.75
CA ASN A 95 -13.55 -2.54 -7.50
C ASN A 95 -14.09 -3.77 -6.74
N TRP A 96 -14.95 -3.56 -5.75
CA TRP A 96 -15.47 -4.64 -4.87
C TRP A 96 -16.70 -5.30 -5.52
N SER A 97 -17.27 -4.69 -6.56
CA SER A 97 -18.49 -5.26 -7.26
C SER A 97 -18.19 -6.61 -7.94
N SER A 98 -19.18 -7.51 -8.00
CA SER A 98 -18.99 -8.84 -8.66
C SER A 98 -18.71 -8.62 -10.16
N SER A 99 -19.18 -7.51 -10.72
N SER A 99 -19.18 -7.50 -10.72
CA SER A 99 -19.03 -7.16 -12.16
CA SER A 99 -19.06 -7.14 -12.15
C SER A 99 -17.79 -6.29 -12.41
C SER A 99 -17.76 -6.35 -12.43
N ALA A 100 -16.82 -6.26 -11.49
CA ALA A 100 -15.58 -5.45 -11.66
C ALA A 100 -14.84 -5.84 -12.95
N ALA A 101 -14.79 -7.13 -13.32
CA ALA A 101 -14.04 -7.53 -14.54
C ALA A 101 -14.74 -6.98 -15.79
N TRP A 102 -16.07 -6.90 -15.78
CA TRP A 102 -16.86 -6.30 -16.90
C TRP A 102 -16.53 -4.80 -17.04
N LEU A 103 -16.42 -4.08 -15.92
CA LEU A 103 -16.04 -2.64 -15.94
C LEU A 103 -14.63 -2.48 -16.52
N ARG A 104 -13.70 -3.37 -16.18
CA ARG A 104 -12.31 -3.33 -16.73
C ARG A 104 -12.32 -3.51 -18.27
N GLN A 105 -13.08 -4.49 -18.78
CA GLN A 105 -13.21 -4.72 -20.26
C GLN A 105 -13.83 -3.50 -20.95
N GLN A 106 -14.88 -2.91 -20.37
N GLN A 106 -14.88 -2.91 -20.36
CA GLN A 106 -15.58 -1.72 -20.95
CA GLN A 106 -15.60 -1.73 -20.91
C GLN A 106 -14.63 -0.51 -20.93
C GLN A 106 -14.66 -0.51 -20.90
N GLY A 107 -13.76 -0.42 -19.92
CA GLY A 107 -12.76 0.67 -19.85
C GLY A 107 -11.72 0.53 -20.96
N ALA A 108 -11.24 -0.69 -21.25
CA ALA A 108 -10.32 -1.00 -22.37
C ALA A 108 -10.99 -0.59 -23.69
N THR A 109 -12.26 -0.97 -23.90
CA THR A 109 -13.05 -0.63 -25.13
C THR A 109 -13.21 0.90 -25.30
N ASP A 110 -13.75 1.59 -24.29
CA ASP A 110 -14.20 3.01 -24.38
C ASP A 110 -13.02 3.98 -24.26
N TRP A 111 -12.03 3.71 -23.42
CA TRP A 111 -11.00 4.68 -23.02
C TRP A 111 -9.58 4.15 -23.29
N GLY A 112 -9.39 2.91 -23.79
CA GLY A 112 -8.07 2.25 -23.80
C GLY A 112 -7.41 2.23 -22.42
N ASP A 113 -8.19 2.01 -21.36
CA ASP A 113 -7.69 2.09 -19.96
C ASP A 113 -8.55 1.16 -19.09
N THR A 114 -7.99 0.02 -18.68
CA THR A 114 -8.73 -1.02 -17.89
C THR A 114 -9.26 -0.42 -16.58
N GLN A 115 -8.64 0.68 -16.09
CA GLN A 115 -9.02 1.27 -14.77
C GLN A 115 -10.04 2.44 -14.90
N ALA A 116 -10.45 2.88 -16.11
CA ALA A 116 -11.17 4.15 -16.33
C ALA A 116 -12.46 4.21 -15.51
N TYR A 117 -13.15 3.07 -15.33
CA TYR A 117 -14.44 2.99 -14.61
C TYR A 117 -14.28 2.49 -13.15
N LEU A 118 -13.06 2.45 -12.62
CA LEU A 118 -12.79 1.90 -11.25
C LEU A 118 -12.40 3.03 -10.31
N ALA A 119 -12.91 2.96 -9.07
CA ALA A 119 -12.55 3.92 -8.01
C ALA A 119 -11.03 3.95 -7.79
N ASP A 120 -10.39 2.79 -7.64
CA ASP A 120 -8.91 2.65 -7.48
C ASP A 120 -8.41 3.54 -6.35
N PRO A 121 -8.99 3.45 -5.13
CA PRO A 121 -8.43 4.18 -3.98
C PRO A 121 -6.96 3.81 -3.70
N LEU A 122 -6.10 4.79 -3.38
CA LEU A 122 -4.66 4.57 -3.10
C LEU A 122 -4.46 4.13 -1.65
N GLY A 123 -3.89 2.93 -1.48
CA GLY A 123 -3.41 2.42 -0.19
C GLY A 123 -1.98 2.84 0.10
N VAL A 124 -1.57 2.74 1.37
CA VAL A 124 -0.14 2.85 1.80
C VAL A 124 0.19 1.59 2.64
N GLY A 125 1.42 1.08 2.51
CA GLY A 125 1.89 -0.02 3.36
C GLY A 125 3.35 0.17 3.72
N ALA A 126 3.82 -0.47 4.77
CA ALA A 126 5.23 -0.33 5.20
C ALA A 126 5.91 -1.67 5.39
N ALA A 127 7.12 -1.82 4.82
CA ALA A 127 8.19 -2.69 5.35
C ALA A 127 8.82 -2.00 6.56
N LEU A 128 8.43 -2.43 7.76
CA LEU A 128 8.83 -1.78 9.03
C LEU A 128 9.95 -2.63 9.67
N ALA A 129 11.16 -2.09 9.77
CA ALA A 129 12.34 -2.86 10.23
C ALA A 129 12.65 -2.47 11.68
N THR A 130 13.02 -3.43 12.52
CA THR A 130 13.38 -3.19 13.96
C THR A 130 14.89 -2.95 14.09
N ALA A 131 15.35 -2.48 15.26
CA ALA A 131 16.77 -2.15 15.51
C ALA A 131 17.62 -3.43 15.42
N ASP A 132 17.04 -4.59 15.71
CA ASP A 132 17.71 -5.92 15.69
C ASP A 132 17.47 -6.69 14.38
N ASP A 133 17.07 -5.99 13.32
N ASP A 133 17.02 -6.01 13.32
CA ASP A 133 17.01 -6.47 11.91
CA ASP A 133 17.06 -6.56 11.94
C ASP A 133 15.96 -7.58 11.78
C ASP A 133 15.94 -7.58 11.71
N PHE A 134 14.69 -7.23 12.06
CA PHE A 134 13.50 -8.03 11.70
C PHE A 134 12.50 -7.10 10.98
N LEU A 135 11.70 -7.64 10.07
CA LEU A 135 10.46 -6.99 9.57
C LEU A 135 9.25 -7.41 10.41
N VAL A 136 8.27 -6.48 10.52
CA VAL A 136 7.04 -6.62 11.33
C VAL A 136 5.86 -7.10 10.49
N PHE A 137 5.15 -8.14 10.96
CA PHE A 137 3.93 -8.70 10.29
C PHE A 137 2.74 -8.77 11.27
N LEU A 138 1.53 -8.68 10.73
CA LEU A 138 0.25 -8.61 11.51
C LEU A 138 -0.71 -9.68 10.98
N ARG A 139 -1.46 -10.34 11.86
CA ARG A 139 -2.46 -11.37 11.43
C ARG A 139 -3.84 -10.71 11.33
N ARG A 140 -4.54 -10.86 10.21
CA ARG A 140 -5.91 -10.31 10.00
C ARG A 140 -6.93 -11.19 10.73
N SER A 141 -7.95 -10.57 11.33
CA SER A 141 -9.15 -11.28 11.87
C SER A 141 -9.73 -12.19 10.80
N ARG A 142 -10.30 -13.34 11.19
CA ARG A 142 -10.95 -14.34 10.27
C ARG A 142 -12.40 -13.94 10.02
N GLN A 143 -12.87 -12.84 10.63
CA GLN A 143 -14.28 -12.38 10.64
C GLN A 143 -14.48 -11.16 9.72
N VAL A 144 -13.43 -10.64 9.10
CA VAL A 144 -13.51 -9.42 8.22
C VAL A 144 -13.76 -9.86 6.77
N ALA A 145 -14.15 -8.93 5.90
CA ALA A 145 -14.70 -9.21 4.56
C ALA A 145 -13.60 -9.44 3.51
N GLU A 146 -12.50 -8.68 3.61
CA GLU A 146 -11.38 -8.73 2.64
C GLU A 146 -10.21 -9.50 3.29
N ALA A 147 -9.68 -10.50 2.57
CA ALA A 147 -8.47 -11.26 2.97
C ALA A 147 -8.57 -11.74 4.42
N PRO A 148 -9.69 -12.39 4.84
CA PRO A 148 -9.81 -12.84 6.23
C PRO A 148 -8.74 -13.88 6.60
N GLY A 149 -8.18 -13.65 7.78
CA GLY A 149 -7.22 -14.59 8.40
C GLY A 149 -5.86 -14.56 7.70
N LEU A 150 -5.61 -13.60 6.80
CA LEU A 150 -4.30 -13.57 6.08
C LEU A 150 -3.29 -12.70 6.83
N VAL A 151 -2.01 -12.83 6.46
CA VAL A 151 -0.92 -11.99 7.03
C VAL A 151 -0.87 -10.63 6.30
N ASP A 152 -0.73 -9.54 7.04
CA ASP A 152 -0.59 -8.18 6.44
C ASP A 152 0.67 -7.47 6.98
N VAL A 153 0.99 -6.29 6.42
CA VAL A 153 2.00 -5.37 7.00
C VAL A 153 1.23 -4.16 7.46
N PRO A 154 1.80 -3.24 8.29
CA PRO A 154 1.07 -2.03 8.68
C PRO A 154 0.68 -1.17 7.46
N GLY A 155 -0.49 -0.53 7.52
CA GLY A 155 -0.89 0.44 6.49
C GLY A 155 -2.37 0.75 6.54
N GLY A 156 -2.90 1.33 5.47
CA GLY A 156 -4.30 1.79 5.41
C GLY A 156 -4.57 2.53 4.13
N HIS A 157 -5.68 3.28 4.09
CA HIS A 157 -6.13 4.09 2.93
C HIS A 157 -6.31 5.53 3.39
N PRO A 158 -5.33 6.43 3.14
CA PRO A 158 -5.42 7.81 3.63
C PRO A 158 -6.57 8.63 3.04
N GLU A 159 -7.06 9.55 3.87
CA GLU A 159 -8.23 10.43 3.61
C GLU A 159 -7.70 11.85 3.43
N PRO A 160 -8.00 12.50 2.28
CA PRO A 160 -7.67 13.90 2.06
C PRO A 160 -8.16 14.84 3.19
N GLN A 161 -7.40 15.93 3.43
CA GLN A 161 -7.46 16.85 4.62
C GLN A 161 -8.33 16.25 5.72
N ASP A 173 2.53 21.65 -8.08
CA ASP A 173 3.11 21.14 -6.82
C ASP A 173 2.67 22.02 -5.64
N LEU A 174 1.68 22.93 -5.80
CA LEU A 174 1.37 23.88 -4.70
C LEU A 174 0.26 23.32 -3.79
N ALA A 175 -0.85 22.78 -4.31
CA ALA A 175 -1.66 21.78 -3.54
C ALA A 175 -0.88 20.45 -3.48
N GLY A 176 -0.07 20.13 -4.50
CA GLY A 176 0.71 18.88 -4.68
C GLY A 176 1.60 18.53 -3.49
N GLN A 177 2.38 19.48 -2.98
CA GLN A 177 3.39 19.21 -1.93
C GLN A 177 2.68 18.90 -0.61
N LEU A 178 1.46 19.42 -0.44
CA LEU A 178 0.66 19.13 0.77
C LEU A 178 0.17 17.69 0.66
N VAL A 179 -0.20 17.26 -0.55
CA VAL A 179 -0.67 15.86 -0.77
C VAL A 179 0.49 14.88 -0.53
N VAL A 180 1.67 15.11 -1.08
CA VAL A 180 2.84 14.22 -0.81
C VAL A 180 3.06 14.14 0.71
N HIS A 181 3.04 15.28 1.43
CA HIS A 181 3.22 15.32 2.90
C HIS A 181 2.16 14.43 3.61
N GLU A 182 0.89 14.50 3.19
N GLU A 182 0.92 14.52 3.14
CA GLU A 182 -0.18 13.70 3.82
CA GLU A 182 -0.25 13.75 3.68
C GLU A 182 0.05 12.21 3.55
C GLU A 182 0.00 12.25 3.52
N LEU A 183 0.52 11.82 2.36
CA LEU A 183 0.84 10.39 2.11
C LEU A 183 1.95 9.87 3.06
N PHE A 184 3.09 10.57 3.19
CA PHE A 184 4.22 10.15 4.06
C PHE A 184 3.78 10.16 5.54
N SER A 185 3.11 11.22 5.97
N SER A 185 3.07 11.19 5.99
CA SER A 185 2.51 11.37 7.33
CA SER A 185 2.60 11.29 7.41
C SER A 185 1.62 10.17 7.65
C SER A 185 1.55 10.21 7.71
N SER A 186 0.71 9.81 6.74
CA SER A 186 -0.31 8.75 6.97
C SER A 186 0.33 7.37 7.17
N VAL A 187 1.43 7.00 6.51
CA VAL A 187 2.05 5.66 6.78
C VAL A 187 2.61 5.64 8.23
N LEU A 188 3.19 6.74 8.74
CA LEU A 188 3.66 6.82 10.15
C LEU A 188 2.46 6.74 11.10
N GLN A 189 1.39 7.49 10.80
CA GLN A 189 0.20 7.51 11.68
C GLN A 189 -0.40 6.10 11.74
N GLU A 190 -0.45 5.36 10.61
CA GLU A 190 -1.00 3.96 10.57
C GLU A 190 -0.13 3.05 11.45
N ILE A 191 1.20 3.24 11.45
CA ILE A 191 2.12 2.45 12.31
C ILE A 191 1.85 2.76 13.80
N CYS A 192 1.77 4.04 14.17
CA CYS A 192 1.46 4.45 15.56
C CYS A 192 0.07 3.91 15.98
N ASP A 193 -0.95 4.02 15.15
CA ASP A 193 -2.34 3.60 15.52
C ASP A 193 -2.43 2.08 15.72
N GLU A 194 -1.82 1.27 14.87
CA GLU A 194 -2.03 -0.20 14.87
C GLU A 194 -0.94 -0.90 15.70
N VAL A 195 0.33 -0.46 15.64
CA VAL A 195 1.45 -1.17 16.33
C VAL A 195 1.64 -0.53 17.72
N ASN A 196 1.06 0.65 17.95
CA ASN A 196 1.12 1.33 19.27
C ASN A 196 2.56 1.78 19.56
N LEU A 197 3.32 2.17 18.51
CA LEU A 197 4.69 2.69 18.65
C LEU A 197 4.69 4.20 18.82
N PRO A 198 5.59 4.76 19.66
CA PRO A 198 5.77 6.21 19.67
C PRO A 198 6.31 6.76 18.33
N LEU A 199 5.77 7.88 17.89
CA LEU A 199 6.18 8.54 16.60
C LEU A 199 7.68 8.80 16.58
N LEU A 200 8.29 9.18 17.73
CA LEU A 200 9.73 9.52 17.78
C LEU A 200 10.63 8.28 17.66
N THR A 201 10.10 7.06 17.65
CA THR A 201 10.94 5.85 17.40
C THR A 201 11.03 5.51 15.90
N LEU A 202 10.37 6.28 15.02
CA LEU A 202 10.25 5.99 13.56
C LEU A 202 11.10 6.97 12.71
N SER A 203 11.79 6.47 11.68
CA SER A 203 12.53 7.24 10.66
C SER A 203 11.53 7.92 9.74
N GLN A 204 11.97 8.95 9.01
CA GLN A 204 11.19 9.45 7.84
C GLN A 204 11.09 8.29 6.83
N PRO A 205 9.89 8.03 6.26
CA PRO A 205 9.73 6.94 5.28
C PRO A 205 10.48 7.22 3.97
N LEU A 206 10.86 6.13 3.29
CA LEU A 206 11.31 6.18 1.89
C LEU A 206 10.29 5.41 1.03
N LEU A 207 9.85 5.98 -0.08
CA LEU A 207 8.95 5.27 -1.03
C LEU A 207 9.76 4.22 -1.81
N LEU A 208 9.40 2.92 -1.68
CA LEU A 208 10.05 1.81 -2.46
C LEU A 208 9.46 1.65 -3.87
N GLY A 209 8.15 1.85 -4.03
CA GLY A 209 7.45 1.66 -5.30
C GLY A 209 5.95 1.62 -5.13
N ILE A 210 5.26 1.20 -6.19
CA ILE A 210 3.78 1.05 -6.23
C ILE A 210 3.46 -0.34 -6.77
N ALA A 211 2.56 -1.04 -6.06
CA ALA A 211 2.11 -2.40 -6.40
C ALA A 211 0.60 -2.37 -6.61
N ARG A 212 0.11 -3.18 -7.55
CA ARG A 212 -1.33 -3.34 -7.84
C ARG A 212 -1.85 -4.68 -7.31
N ASN A 213 -3.04 -4.68 -6.72
CA ASN A 213 -3.77 -5.88 -6.19
C ASN A 213 -4.72 -6.36 -7.29
N GLU A 214 -4.33 -7.38 -8.05
CA GLU A 214 -5.16 -7.91 -9.16
C GLU A 214 -6.36 -8.71 -8.62
N THR A 215 -6.43 -9.03 -7.33
CA THR A 215 -7.59 -9.72 -6.72
C THR A 215 -8.68 -8.69 -6.41
N SER A 216 -8.32 -7.40 -6.36
CA SER A 216 -9.27 -6.28 -6.12
C SER A 216 -9.28 -5.34 -7.35
N ALA A 217 -9.27 -5.93 -8.56
CA ALA A 217 -9.48 -5.28 -9.89
C ALA A 217 -8.42 -4.20 -10.15
N GLY A 218 -7.25 -4.35 -9.55
CA GLY A 218 -6.06 -3.57 -9.92
C GLY A 218 -5.79 -2.33 -9.07
N ARG A 219 -6.47 -2.18 -7.93
CA ARG A 219 -6.22 -1.02 -7.02
C ARG A 219 -4.76 -1.06 -6.56
N ALA A 220 -4.15 0.11 -6.36
CA ALA A 220 -2.70 0.24 -6.13
C ALA A 220 -2.45 0.68 -4.69
N SER A 221 -1.29 0.32 -4.15
CA SER A 221 -0.78 0.75 -2.84
C SER A 221 0.64 1.28 -3.04
N ALA A 222 0.93 2.44 -2.48
CA ALA A 222 2.31 2.96 -2.29
C ALA A 222 2.98 2.16 -1.16
N GLU A 223 4.15 1.56 -1.40
CA GLU A 223 4.87 0.71 -0.42
C GLU A 223 6.13 1.45 0.05
N PHE A 224 6.30 1.61 1.37
CA PHE A 224 7.35 2.43 2.01
C PHE A 224 8.26 1.58 2.89
N TYR A 225 9.49 2.03 3.11
CA TYR A 225 10.44 1.45 4.10
C TYR A 225 10.49 2.42 5.28
N VAL A 226 10.33 1.90 6.49
CA VAL A 226 10.44 2.68 7.76
C VAL A 226 11.31 1.87 8.73
N GLN A 227 12.26 2.53 9.37
N GLN A 227 12.30 2.52 9.33
CA GLN A 227 13.18 1.93 10.39
CA GLN A 227 13.17 1.95 10.40
C GLN A 227 12.75 2.42 11.78
C GLN A 227 12.65 2.41 11.77
N CYS A 228 12.64 1.49 12.74
CA CYS A 228 12.26 1.77 14.15
C CYS A 228 13.51 1.60 15.04
N SER A 229 13.67 2.46 16.05
CA SER A 229 14.84 2.43 16.96
C SER A 229 14.64 1.39 18.09
N LEU A 230 13.44 0.80 18.19
CA LEU A 230 13.17 -0.30 19.15
C LEU A 230 13.52 -1.68 18.55
N THR A 231 13.91 -2.62 19.42
CA THR A 231 14.10 -4.07 19.08
C THR A 231 12.74 -4.76 18.90
N SER A 232 12.74 -5.93 18.28
CA SER A 232 11.52 -6.77 18.08
C SER A 232 10.80 -7.00 19.42
N GLU A 233 11.54 -7.32 20.48
CA GLU A 233 10.95 -7.57 21.82
C GLU A 233 10.23 -6.31 22.32
N GLN A 234 10.86 -5.13 22.21
CA GLN A 234 10.24 -3.86 22.65
C GLN A 234 9.01 -3.57 21.75
N VAL A 235 9.07 -3.85 20.43
CA VAL A 235 7.91 -3.59 19.53
C VAL A 235 6.69 -4.44 19.97
N ARG A 236 6.92 -5.73 20.23
CA ARG A 236 5.89 -6.69 20.73
C ARG A 236 5.26 -6.15 22.01
N LYS A 237 6.08 -5.70 22.97
CA LYS A 237 5.56 -5.21 24.28
C LYS A 237 4.59 -4.05 24.01
N HIS A 238 4.99 -3.07 23.17
CA HIS A 238 4.15 -1.87 22.86
C HIS A 238 2.84 -2.32 22.22
N TYR A 239 2.88 -3.16 21.18
CA TYR A 239 1.68 -3.72 20.50
C TYR A 239 0.76 -4.35 21.55
N LEU A 240 1.27 -5.27 22.38
CA LEU A 240 0.38 -6.06 23.29
C LEU A 240 -0.17 -5.17 24.41
N SER A 241 0.61 -4.17 24.86
CA SER A 241 0.26 -3.30 26.02
C SER A 241 -0.97 -2.44 25.71
N GLY A 242 -1.36 -2.32 24.44
CA GLY A 242 -2.61 -1.61 24.09
C GLY A 242 -3.84 -2.46 24.40
N GLY A 243 -3.69 -3.78 24.40
CA GLY A 243 -4.82 -4.72 24.65
C GLY A 243 -5.65 -4.92 23.38
N PRO A 244 -6.62 -5.86 23.39
CA PRO A 244 -7.37 -6.24 22.19
C PRO A 244 -8.11 -5.10 21.46
N GLU A 245 -8.53 -4.04 22.17
CA GLU A 245 -9.24 -2.86 21.57
C GLU A 245 -8.26 -1.85 20.93
N ALA A 246 -6.96 -1.96 21.14
CA ALA A 246 -6.00 -0.97 20.61
C ALA A 246 -5.60 -1.32 19.17
N HIS A 247 -5.99 -2.48 18.61
CA HIS A 247 -5.55 -2.91 17.25
C HIS A 247 -6.67 -3.68 16.54
N GLU A 248 -6.71 -3.64 15.20
CA GLU A 248 -7.70 -4.39 14.37
C GLU A 248 -7.16 -5.81 14.12
N SER A 249 -5.84 -5.96 14.06
CA SER A 249 -5.19 -7.29 13.90
C SER A 249 -5.39 -8.13 15.18
N THR A 250 -5.13 -9.43 15.06
CA THR A 250 -5.27 -10.42 16.15
C THR A 250 -3.91 -10.94 16.63
N GLY A 251 -2.80 -10.55 16.01
CA GLY A 251 -1.45 -10.94 16.47
C GLY A 251 -0.36 -10.19 15.69
N ILE A 252 0.86 -10.17 16.24
CA ILE A 252 2.08 -9.58 15.63
C ILE A 252 3.15 -10.68 15.59
N PHE A 253 4.02 -10.65 14.59
CA PHE A 253 5.19 -11.56 14.55
C PHE A 253 6.28 -10.94 13.68
N PHE A 254 7.48 -11.51 13.71
CA PHE A 254 8.73 -10.91 13.19
C PHE A 254 9.51 -11.95 12.40
N VAL A 255 10.05 -11.55 11.25
CA VAL A 255 10.92 -12.42 10.41
C VAL A 255 12.26 -11.69 10.22
N GLU A 256 13.38 -12.36 10.47
CA GLU A 256 14.72 -11.75 10.26
C GLU A 256 14.83 -11.23 8.83
N THR A 257 15.43 -10.05 8.60
CA THR A 257 15.63 -9.53 7.22
C THR A 257 16.45 -10.53 6.39
N GLN A 258 17.37 -11.27 7.01
CA GLN A 258 18.12 -12.39 6.34
C GLN A 258 17.15 -13.35 5.62
N ASN A 259 16.02 -13.68 6.25
CA ASN A 259 15.09 -14.74 5.78
C ASN A 259 14.00 -14.17 4.84
N VAL A 260 13.80 -12.84 4.83
CA VAL A 260 12.81 -12.15 3.93
C VAL A 260 13.22 -12.34 2.47
N ARG A 261 14.54 -12.38 2.17
CA ARG A 261 15.08 -12.70 0.82
C ARG A 261 14.37 -13.89 0.18
N ARG A 262 14.10 -15.00 0.88
CA ARG A 262 13.54 -16.24 0.28
C ARG A 262 12.09 -16.47 0.73
N LEU A 263 11.38 -15.44 1.24
CA LEU A 263 9.99 -15.61 1.73
C LEU A 263 9.05 -16.19 0.64
N PRO A 264 9.17 -15.83 -0.65
CA PRO A 264 8.29 -16.40 -1.69
C PRO A 264 8.46 -17.91 -1.91
N GLU A 265 9.50 -18.51 -1.35
CA GLU A 265 9.74 -19.97 -1.40
C GLU A 265 9.21 -20.67 -0.12
N THR A 266 8.60 -19.95 0.82
CA THR A 266 8.17 -20.51 2.13
C THR A 266 6.66 -20.76 2.12
N GLU A 267 6.16 -21.50 3.13
CA GLU A 267 4.69 -21.74 3.30
C GLU A 267 4.01 -20.45 3.77
N MET A 268 4.75 -19.48 4.29
CA MET A 268 4.19 -18.16 4.70
C MET A 268 3.61 -17.44 3.46
N TRP A 269 4.19 -17.63 2.28
CA TRP A 269 3.86 -16.80 1.08
C TRP A 269 2.36 -16.96 0.72
N ALA A 270 1.81 -18.17 0.83
CA ALA A 270 0.37 -18.46 0.55
C ALA A 270 -0.56 -17.81 1.58
N GLU A 271 -0.05 -17.39 2.72
CA GLU A 271 -0.89 -16.73 3.76
C GLU A 271 -0.81 -15.20 3.64
N LEU A 272 0.06 -14.64 2.79
CA LEU A 272 0.19 -13.15 2.69
C LEU A 272 -0.89 -12.58 1.76
N CYS A 273 -1.59 -11.54 2.21
CA CYS A 273 -2.48 -10.73 1.35
C CYS A 273 -1.66 -10.04 0.25
N PRO A 274 -2.28 -9.78 -0.92
CA PRO A 274 -1.58 -9.15 -2.06
C PRO A 274 -0.78 -7.86 -1.75
N SER A 275 -1.33 -6.93 -0.98
CA SER A 275 -0.58 -5.67 -0.67
C SER A 275 0.65 -5.94 0.20
N ALA A 276 0.60 -6.92 1.13
CA ALA A 276 1.83 -7.32 1.87
C ALA A 276 2.83 -8.01 0.92
N LYS A 277 2.39 -8.85 -0.01
CA LYS A 277 3.31 -9.43 -1.02
C LYS A 277 4.05 -8.31 -1.78
N GLY A 278 3.32 -7.26 -2.19
CA GLY A 278 3.93 -6.10 -2.86
C GLY A 278 5.02 -5.42 -2.04
N ALA A 279 4.75 -5.14 -0.76
CA ALA A 279 5.72 -4.58 0.20
C ALA A 279 6.98 -5.45 0.27
N ILE A 280 6.83 -6.78 0.34
CA ILE A 280 8.04 -7.65 0.52
C ILE A 280 8.82 -7.74 -0.79
N ILE A 281 8.17 -7.90 -1.95
CA ILE A 281 8.85 -7.90 -3.29
C ILE A 281 9.66 -6.59 -3.46
N LEU A 282 9.04 -5.42 -3.17
CA LEU A 282 9.74 -4.11 -3.34
C LEU A 282 10.88 -3.96 -2.32
N TYR A 283 10.71 -4.44 -1.09
CA TYR A 283 11.78 -4.38 -0.07
C TYR A 283 12.98 -5.18 -0.59
N ASN A 284 12.72 -6.39 -1.10
CA ASN A 284 13.80 -7.29 -1.61
C ASN A 284 14.52 -6.63 -2.83
N ARG A 285 13.80 -5.98 -3.72
CA ARG A 285 14.40 -5.42 -4.96
C ARG A 285 15.13 -4.10 -4.69
N VAL A 286 14.60 -3.27 -3.78
CA VAL A 286 15.01 -1.85 -3.61
C VAL A 286 15.93 -1.67 -2.40
N GLN A 287 15.65 -2.27 -1.24
CA GLN A 287 16.54 -2.21 -0.05
C GLN A 287 17.52 -3.40 -0.04
N GLY A 288 17.10 -4.62 -0.35
CA GLY A 288 18.03 -5.76 -0.51
C GLY A 288 18.83 -5.62 -1.79
N SER A 289 19.18 -6.77 -2.42
CA SER A 289 19.91 -6.91 -3.73
C SER A 289 21.05 -5.88 -3.81
N PRO A 290 22.20 -6.13 -3.13
CA PRO A 290 23.31 -5.17 -3.16
C PRO A 290 23.99 -5.09 -4.53
N THR A 291 24.49 -3.89 -4.88
CA THR A 291 25.03 -3.53 -6.22
C THR A 291 26.58 -3.50 -6.18
N GLY A 292 27.22 -3.32 -5.01
CA GLY A 292 28.68 -3.09 -4.88
C GLY A 292 29.45 -4.35 -4.51
N ALA A 293 30.79 -4.31 -4.62
CA ALA A 293 31.71 -5.46 -4.45
C ALA A 293 31.64 -6.02 -3.02
N ALA A 294 31.57 -5.15 -2.00
CA ALA A 294 31.59 -5.52 -0.56
C ALA A 294 30.37 -6.37 -0.19
N LEU A 295 29.14 -5.81 -0.21
CA LEU A 295 27.87 -6.51 0.13
C LEU A 295 27.57 -7.63 -0.90
N GLY A 296 28.13 -7.51 -2.11
CA GLY A 296 28.00 -8.48 -3.22
C GLY A 296 28.86 -9.73 -3.04
N SER A 297 29.94 -9.66 -2.25
CA SER A 297 30.90 -10.77 -1.94
C SER A 297 30.15 -12.05 -1.50
N PRO A 298 30.56 -13.27 -1.95
CA PRO A 298 29.85 -14.53 -1.61
C PRO A 298 29.50 -14.83 -0.13
N ALA A 299 30.38 -14.50 0.83
CA ALA A 299 30.15 -14.75 2.27
C ALA A 299 28.98 -13.89 2.79
N LEU A 300 28.83 -12.66 2.24
CA LEU A 300 27.75 -11.70 2.65
C LEU A 300 26.49 -11.90 1.80
N LEU A 301 26.60 -12.34 0.54
CA LEU A 301 25.43 -12.64 -0.35
C LEU A 301 25.51 -14.09 -0.80
N PRO A 302 25.02 -15.04 0.04
CA PRO A 302 25.14 -16.47 -0.27
C PRO A 302 24.38 -16.87 -1.54
N PRO A 303 25.04 -17.53 -2.53
CA PRO A 303 24.36 -18.00 -3.75
C PRO A 303 23.21 -19.00 -3.51
N LEU A 304 22.17 -18.94 -4.35
CA LEU A 304 20.96 -19.81 -4.33
C LEU A 304 20.05 -19.40 -3.17
#